data_5ZUN
#
_entry.id   5ZUN
#
_cell.length_a   95.149
_cell.length_b   127.224
_cell.length_c   60.250
_cell.angle_alpha   90.00
_cell.angle_beta   90.00
_cell.angle_gamma   90.00
#
_symmetry.space_group_name_H-M   'C 2 2 21'
#
loop_
_entity.id
_entity.type
_entity.pdbx_description
1 polymer 'Monoglyceride lipase'
2 non-polymer "(4R)-1-(2'-chloro[1,1'-biphenyl]-3-yl)-4-[4-(1,3-thiazole-2-carbonyl)piperazin-1-yl]pyrrolidin-2-one"
3 non-polymer 'TETRAETHYLENE GLYCOL'
4 non-polymer 1,2-ETHANEDIOL
5 non-polymer 'CHLORIDE ION'
6 water water
#
_entity_poly.entity_id   1
_entity_poly.type   'polypeptide(L)'
_entity_poly.pdbx_seq_one_letter_code
;GSMPEESSPRRTPQSIPYQDLPHLVNADGQYLFCRYWAPTGTPKALIFVSHGAGEHSGRYEELARMLMGLDLLVFAHDHV
GHGQSEGERMVVSDFHVFVRDVLQHVDSMQKDYPGLPVFLLGHSMGGAIAILTAAERPGHFAGMVLISPLVLANPESATT
FKVLAAKVLNSVLPNLSSGPIDSSVLSRNKTEVDIYNSDPLICRAGLKVCFGIQLLNAVSRVERALPKLTVPFLLLQGSA
DRLCDSKGAYLLMELAKSQDKTLKIYEGAYHVLHKELPEVTNSVFHEINMWVSQRTATAGTASPP
;
_entity_poly.pdbx_strand_id   A
#
# COMPACT_ATOMS: atom_id res chain seq x y z
N PRO A 9 21.89 -18.35 -10.45
CA PRO A 9 21.59 -17.15 -9.66
C PRO A 9 20.08 -16.86 -9.62
N ARG A 10 19.59 -16.48 -8.44
CA ARG A 10 18.20 -16.09 -8.26
C ARG A 10 18.00 -14.75 -9.00
N ARG A 11 16.94 -14.71 -9.79
CA ARG A 11 16.67 -13.56 -10.70
C ARG A 11 15.24 -13.08 -10.52
N THR A 12 15.05 -11.80 -10.80
CA THR A 12 13.71 -11.21 -10.89
C THR A 12 12.89 -11.86 -12.02
N PRO A 13 11.57 -11.63 -12.00
CA PRO A 13 10.75 -12.17 -13.10
C PRO A 13 11.14 -11.59 -14.46
N GLN A 14 11.95 -10.52 -14.50
CA GLN A 14 12.42 -9.91 -15.71
C GLN A 14 13.85 -10.42 -16.08
N SER A 15 14.37 -11.36 -15.28
CA SER A 15 15.66 -12.08 -15.53
CA SER A 15 15.64 -12.12 -15.43
C SER A 15 16.86 -11.33 -14.95
N ILE A 16 16.69 -10.35 -14.09
CA ILE A 16 17.83 -9.59 -13.59
C ILE A 16 18.30 -10.24 -12.28
N PRO A 17 19.59 -10.52 -12.15
CA PRO A 17 20.01 -11.19 -10.91
C PRO A 17 19.77 -10.30 -9.68
N TYR A 18 19.24 -10.90 -8.61
CA TYR A 18 19.12 -10.15 -7.37
C TYR A 18 20.46 -9.67 -6.84
N GLN A 19 21.57 -10.35 -7.17
CA GLN A 19 22.85 -9.89 -6.64
C GLN A 19 23.20 -8.49 -7.14
N ASP A 20 22.53 -8.03 -8.17
CA ASP A 20 22.80 -6.73 -8.75
C ASP A 20 21.84 -5.65 -8.21
N LEU A 21 20.90 -6.01 -7.36
CA LEU A 21 19.79 -5.12 -7.00
C LEU A 21 19.63 -5.08 -5.49
N PRO A 22 19.10 -3.99 -4.95
CA PRO A 22 18.76 -4.01 -3.53
C PRO A 22 17.63 -5.02 -3.29
N HIS A 23 17.74 -5.84 -2.26
CA HIS A 23 16.77 -6.88 -2.03
C HIS A 23 16.77 -7.30 -0.56
N LEU A 24 15.80 -8.14 -0.24
CA LEU A 24 15.76 -8.86 1.04
C LEU A 24 15.19 -10.24 0.78
N VAL A 25 15.38 -11.17 1.68
CA VAL A 25 14.79 -12.48 1.58
C VAL A 25 13.80 -12.62 2.73
N ASN A 26 12.56 -12.93 2.41
CA ASN A 26 11.53 -13.03 3.43
C ASN A 26 11.58 -14.37 4.16
N ALA A 27 10.67 -14.52 5.13
CA ALA A 27 10.72 -15.69 6.00
C ALA A 27 10.37 -16.97 5.25
N ASP A 28 9.76 -16.88 4.08
CA ASP A 28 9.48 -18.03 3.24
C ASP A 28 10.60 -18.27 2.23
N GLY A 29 11.72 -17.58 2.32
CA GLY A 29 12.85 -17.78 1.40
C GLY A 29 12.71 -17.09 0.06
N GLN A 30 11.78 -16.14 -0.05
CA GLN A 30 11.50 -15.46 -1.32
C GLN A 30 12.22 -14.11 -1.34
N TYR A 31 12.85 -13.82 -2.47
CA TYR A 31 13.52 -12.56 -2.64
C TYR A 31 12.49 -11.47 -2.94
N LEU A 32 12.58 -10.37 -2.20
CA LEU A 32 11.79 -9.17 -2.46
C LEU A 32 12.72 -8.07 -2.93
N PHE A 33 12.36 -7.43 -4.03
CA PHE A 33 13.09 -6.28 -4.54
C PHE A 33 12.83 -5.06 -3.68
N CYS A 34 13.92 -4.39 -3.36
CA CYS A 34 13.82 -3.17 -2.40
C CYS A 34 14.21 -1.88 -3.11
N ARG A 35 13.70 -0.76 -2.59
CA ARG A 35 13.98 0.56 -3.14
C ARG A 35 14.23 1.51 -1.97
N TYR A 36 15.21 2.41 -2.09
CA TYR A 36 15.59 3.33 -1.04
C TYR A 36 15.79 4.73 -1.61
N TRP A 37 15.39 5.73 -0.82
CA TRP A 37 15.65 7.14 -1.15
C TRP A 37 16.17 7.80 0.12
N ALA A 38 17.49 8.03 0.19
CA ALA A 38 18.10 8.53 1.39
C ALA A 38 18.54 9.97 1.16
N PRO A 39 18.33 10.83 2.15
CA PRO A 39 18.85 12.22 2.05
C PRO A 39 20.39 12.26 2.22
N THR A 40 21.00 13.41 1.96
CA THR A 40 22.47 13.47 2.02
C THR A 40 22.96 13.42 3.46
N GLY A 41 22.20 13.92 4.43
CA GLY A 41 22.65 13.92 5.82
C GLY A 41 21.91 12.91 6.68
N THR A 42 21.99 13.10 8.00
CA THR A 42 21.29 12.26 8.95
C THR A 42 19.78 12.43 8.73
N PRO A 43 19.06 11.33 8.55
CA PRO A 43 17.62 11.47 8.40
C PRO A 43 16.95 11.90 9.71
N LYS A 44 15.81 12.57 9.58
CA LYS A 44 14.97 12.97 10.69
C LYS A 44 14.03 11.84 11.12
N ALA A 45 13.68 10.96 10.17
CA ALA A 45 12.73 9.89 10.39
C ALA A 45 12.83 8.92 9.21
N LEU A 46 12.25 7.75 9.38
CA LEU A 46 12.14 6.74 8.35
C LEU A 46 10.69 6.65 7.89
N ILE A 47 10.45 6.34 6.63
CA ILE A 47 9.09 6.09 6.19
C ILE A 47 9.07 4.96 5.18
N PHE A 48 8.22 3.97 5.45
CA PHE A 48 8.02 2.84 4.57
C PHE A 48 6.83 3.09 3.64
N VAL A 49 7.02 2.88 2.35
CA VAL A 49 5.97 3.04 1.36
C VAL A 49 5.45 1.66 0.95
N SER A 50 4.15 1.46 1.12
CA SER A 50 3.44 0.20 0.92
C SER A 50 2.52 0.31 -0.30
N HIS A 51 2.92 -0.29 -1.41
CA HIS A 51 2.13 -0.25 -2.63
C HIS A 51 0.94 -1.18 -2.55
N GLY A 52 0.07 -1.10 -3.55
CA GLY A 52 -1.14 -1.94 -3.56
C GLY A 52 -1.10 -3.11 -4.54
N ALA A 53 -2.21 -3.81 -4.62
CA ALA A 53 -2.37 -4.98 -5.47
C ALA A 53 -2.14 -4.58 -6.92
N GLY A 54 -1.41 -5.45 -7.61
CA GLY A 54 -1.22 -5.29 -9.04
C GLY A 54 -0.18 -4.26 -9.43
N GLU A 55 0.41 -3.54 -8.48
CA GLU A 55 1.41 -2.52 -8.82
C GLU A 55 2.73 -2.86 -8.10
N HIS A 56 3.53 -1.85 -7.79
CA HIS A 56 4.89 -2.07 -7.30
C HIS A 56 5.42 -0.74 -6.78
N SER A 57 6.58 -0.77 -6.17
CA SER A 57 7.15 0.35 -5.46
C SER A 57 7.58 1.50 -6.38
N GLY A 58 7.91 1.20 -7.64
CA GLY A 58 8.38 2.23 -8.53
C GLY A 58 7.33 3.26 -8.90
N ARG A 59 6.06 2.95 -8.67
CA ARG A 59 4.97 3.91 -8.94
C ARG A 59 5.06 5.12 -8.02
N TYR A 60 5.83 5.01 -6.94
CA TYR A 60 5.85 6.02 -5.86
C TYR A 60 7.09 6.92 -5.97
N GLU A 61 7.82 6.91 -7.09
CA GLU A 61 9.08 7.62 -7.22
C GLU A 61 8.94 9.10 -6.83
N GLU A 62 7.98 9.80 -7.37
CA GLU A 62 7.93 11.25 -7.11
C GLU A 62 7.51 11.55 -5.66
N LEU A 63 6.56 10.79 -5.13
CA LEU A 63 6.20 11.00 -3.75
CA LEU A 63 6.17 10.94 -3.70
C LEU A 63 7.38 10.71 -2.80
N ALA A 64 8.12 9.63 -3.09
CA ALA A 64 9.31 9.29 -2.30
C ALA A 64 10.35 10.41 -2.39
N ARG A 65 10.59 10.94 -3.58
CA ARG A 65 11.55 12.03 -3.72
C ARG A 65 11.13 13.25 -2.90
N MET A 66 9.83 13.52 -2.84
CA MET A 66 9.34 14.64 -2.05
CA MET A 66 9.36 14.64 -2.06
C MET A 66 9.65 14.38 -0.58
N LEU A 67 9.38 13.19 -0.09
CA LEU A 67 9.58 12.86 1.32
C LEU A 67 11.08 12.88 1.66
N MET A 68 11.94 12.39 0.76
CA MET A 68 13.37 12.44 1.04
CA MET A 68 13.40 12.44 0.93
C MET A 68 13.83 13.90 1.08
N GLY A 69 13.19 14.77 0.30
CA GLY A 69 13.45 16.22 0.34
C GLY A 69 13.10 16.86 1.67
N LEU A 70 12.28 16.22 2.48
CA LEU A 70 11.98 16.63 3.85
C LEU A 70 12.98 16.02 4.85
N ASP A 71 14.02 15.35 4.35
CA ASP A 71 15.09 14.71 5.15
C ASP A 71 14.60 13.42 5.81
N LEU A 72 13.60 12.75 5.24
CA LEU A 72 13.29 11.40 5.68
C LEU A 72 14.05 10.41 4.78
N LEU A 73 14.39 9.27 5.36
CA LEU A 73 14.86 8.12 4.62
C LEU A 73 13.63 7.30 4.21
N VAL A 74 13.36 7.23 2.93
CA VAL A 74 12.19 6.55 2.40
C VAL A 74 12.63 5.15 1.96
N PHE A 75 11.84 4.13 2.26
CA PHE A 75 12.18 2.78 1.85
C PHE A 75 10.93 2.02 1.46
N ALA A 76 11.10 0.99 0.66
CA ALA A 76 9.97 0.23 0.16
C ALA A 76 10.49 -1.14 -0.30
N HIS A 77 9.56 -2.04 -0.52
CA HIS A 77 9.85 -3.23 -1.32
C HIS A 77 8.61 -3.56 -2.13
N ASP A 78 8.81 -4.39 -3.16
CA ASP A 78 7.70 -4.95 -3.90
C ASP A 78 7.17 -6.15 -3.10
N HIS A 79 5.90 -6.11 -2.77
CA HIS A 79 5.30 -7.21 -2.02
C HIS A 79 5.48 -8.52 -2.77
N VAL A 80 5.43 -9.62 -2.05
CA VAL A 80 5.56 -10.91 -2.73
C VAL A 80 4.52 -10.98 -3.86
N GLY A 81 4.92 -11.57 -4.98
CA GLY A 81 4.00 -11.74 -6.08
C GLY A 81 3.84 -10.48 -6.93
N HIS A 82 4.63 -9.45 -6.66
CA HIS A 82 4.49 -8.15 -7.34
C HIS A 82 5.83 -7.66 -7.88
N GLY A 83 5.75 -6.82 -8.90
CA GLY A 83 6.88 -6.08 -9.41
C GLY A 83 8.09 -6.94 -9.71
N GLN A 84 9.22 -6.61 -9.10
CA GLN A 84 10.47 -7.31 -9.31
C GLN A 84 10.75 -8.34 -8.22
N SER A 85 9.77 -8.61 -7.35
CA SER A 85 9.90 -9.65 -6.31
C SER A 85 9.50 -11.02 -6.86
N GLU A 86 9.93 -12.04 -6.16
CA GLU A 86 9.53 -13.41 -6.48
C GLU A 86 8.08 -13.69 -6.08
N GLY A 87 7.61 -14.86 -6.49
CA GLY A 87 6.30 -15.35 -6.12
C GLY A 87 5.39 -15.45 -7.32
N GLU A 88 4.48 -16.42 -7.28
CA GLU A 88 3.42 -16.45 -8.29
CA GLU A 88 3.46 -16.44 -8.32
C GLU A 88 2.71 -15.10 -8.29
N ARG A 89 2.36 -14.60 -9.47
CA ARG A 89 1.90 -13.22 -9.55
C ARG A 89 0.53 -13.03 -8.89
N MET A 90 0.46 -12.01 -8.02
CA MET A 90 -0.77 -11.55 -7.41
CA MET A 90 -0.79 -11.55 -7.41
C MET A 90 -1.50 -12.75 -6.77
N VAL A 91 -0.74 -13.57 -6.04
CA VAL A 91 -1.30 -14.53 -5.12
C VAL A 91 -0.49 -14.48 -3.82
N VAL A 92 -1.09 -14.96 -2.73
CA VAL A 92 -0.38 -14.94 -1.43
C VAL A 92 -0.97 -16.05 -0.55
N SER A 93 -0.14 -16.79 0.15
CA SER A 93 -0.62 -17.92 0.91
C SER A 93 -1.65 -17.49 1.94
N ASP A 94 -1.36 -16.37 2.63
CA ASP A 94 -2.27 -15.73 3.56
C ASP A 94 -1.91 -14.24 3.53
N PHE A 95 -2.89 -13.37 3.66
CA PHE A 95 -2.64 -11.92 3.58
C PHE A 95 -1.58 -11.47 4.59
N HIS A 96 -1.48 -12.12 5.75
CA HIS A 96 -0.53 -11.69 6.76
C HIS A 96 0.92 -11.77 6.27
N VAL A 97 1.22 -12.56 5.27
CA VAL A 97 2.58 -12.55 4.65
C VAL A 97 3.01 -11.11 4.35
N PHE A 98 2.10 -10.31 3.80
CA PHE A 98 2.49 -8.95 3.42
C PHE A 98 2.89 -8.15 4.64
N VAL A 99 2.12 -8.30 5.72
CA VAL A 99 2.32 -7.58 6.99
C VAL A 99 3.65 -8.03 7.62
N ARG A 100 3.80 -9.34 7.70
CA ARG A 100 5.06 -9.92 8.22
C ARG A 100 6.27 -9.35 7.49
N ASP A 101 6.20 -9.29 6.17
CA ASP A 101 7.34 -8.87 5.38
C ASP A 101 7.59 -7.36 5.54
N VAL A 102 6.54 -6.55 5.66
CA VAL A 102 6.74 -5.14 5.99
C VAL A 102 7.47 -5.04 7.35
N LEU A 103 7.02 -5.80 8.35
CA LEU A 103 7.65 -5.70 9.66
C LEU A 103 9.12 -6.13 9.60
N GLN A 104 9.43 -7.16 8.81
CA GLN A 104 10.85 -7.57 8.64
C GLN A 104 11.67 -6.39 8.15
N HIS A 105 11.19 -5.72 7.10
CA HIS A 105 11.94 -4.63 6.51
C HIS A 105 12.06 -3.43 7.47
N VAL A 106 10.95 -3.09 8.12
CA VAL A 106 10.93 -2.03 9.12
C VAL A 106 11.93 -2.35 10.22
N ASP A 107 11.90 -3.57 10.75
CA ASP A 107 12.76 -3.92 11.88
C ASP A 107 14.23 -3.85 11.43
N SER A 108 14.51 -4.31 10.21
CA SER A 108 15.90 -4.34 9.74
CA SER A 108 15.91 -4.34 9.79
CA SER A 108 15.87 -4.32 9.66
C SER A 108 16.44 -2.92 9.55
N MET A 109 15.59 -2.01 9.08
CA MET A 109 15.97 -0.59 8.91
CA MET A 109 16.05 -0.62 8.92
C MET A 109 16.09 0.11 10.26
N GLN A 110 15.13 -0.10 11.17
CA GLN A 110 15.15 0.63 12.41
CA GLN A 110 15.08 0.55 12.48
C GLN A 110 16.41 0.32 13.22
N LYS A 111 16.88 -0.92 13.21
CA LYS A 111 18.04 -1.22 14.04
C LYS A 111 19.28 -0.52 13.49
N ASP A 112 19.32 -0.19 12.20
CA ASP A 112 20.47 0.53 11.69
C ASP A 112 20.32 2.05 11.79
N TYR A 113 19.12 2.53 12.09
CA TYR A 113 18.83 3.95 12.38
C TYR A 113 18.11 4.05 13.72
N PRO A 114 18.75 3.60 14.79
CA PRO A 114 18.08 3.47 16.07
C PRO A 114 17.61 4.84 16.58
N GLY A 115 16.46 4.86 17.21
CA GLY A 115 16.02 6.12 17.76
C GLY A 115 15.24 6.95 16.76
N LEU A 116 15.31 6.68 15.44
CA LEU A 116 14.51 7.47 14.52
C LEU A 116 13.06 6.97 14.52
N PRO A 117 12.11 7.89 14.55
CA PRO A 117 10.71 7.56 14.35
C PRO A 117 10.47 6.92 12.97
N VAL A 118 9.49 6.03 12.91
CA VAL A 118 9.15 5.40 11.63
CA VAL A 118 9.12 5.31 11.67
C VAL A 118 7.67 5.62 11.31
N PHE A 119 7.45 6.07 10.10
CA PHE A 119 6.12 6.29 9.52
C PHE A 119 5.82 5.20 8.48
N LEU A 120 4.53 5.04 8.19
CA LEU A 120 4.04 4.19 7.11
C LEU A 120 3.28 5.06 6.12
N LEU A 121 3.38 4.76 4.84
CA LEU A 121 2.52 5.38 3.82
C LEU A 121 1.97 4.23 2.98
N GLY A 122 0.67 4.17 2.78
CA GLY A 122 0.11 3.09 2.00
C GLY A 122 -1.04 3.55 1.16
N HIS A 123 -1.21 2.94 0.00
CA HIS A 123 -2.34 3.20 -0.86
C HIS A 123 -3.13 1.92 -1.07
N SER A 124 -4.44 1.98 -0.97
CA SER A 124 -5.33 0.91 -1.43
C SER A 124 -5.04 -0.37 -0.63
N MET A 125 -4.75 -1.53 -1.26
CA MET A 125 -4.35 -2.70 -0.48
C MET A 125 -3.13 -2.39 0.40
N GLY A 126 -2.23 -1.56 -0.08
CA GLY A 126 -1.05 -1.18 0.72
C GLY A 126 -1.41 -0.41 1.98
N GLY A 127 -2.54 0.29 1.93
CA GLY A 127 -3.09 0.98 3.09
C GLY A 127 -3.69 0.01 4.09
N ALA A 128 -4.37 -1.06 3.63
CA ALA A 128 -4.79 -2.12 4.53
C ALA A 128 -3.55 -2.74 5.20
N ILE A 129 -2.48 -2.97 4.44
CA ILE A 129 -1.28 -3.55 5.00
C ILE A 129 -0.73 -2.61 6.06
N ALA A 130 -0.70 -1.29 5.79
CA ALA A 130 -0.20 -0.33 6.78
C ALA A 130 -1.04 -0.37 8.06
N ILE A 131 -2.37 -0.37 7.93
CA ILE A 131 -3.24 -0.44 9.11
C ILE A 131 -2.91 -1.68 9.94
N LEU A 132 -2.81 -2.83 9.29
CA LEU A 132 -2.61 -4.10 10.02
C LEU A 132 -1.22 -4.13 10.63
N THR A 133 -0.25 -3.52 9.98
CA THR A 133 1.13 -3.45 10.51
C THR A 133 1.16 -2.58 11.77
N ALA A 134 0.50 -1.41 11.75
CA ALA A 134 0.47 -0.53 12.92
C ALA A 134 -0.31 -1.24 14.04
N ALA A 135 -1.37 -1.96 13.71
CA ALA A 135 -2.20 -2.58 14.77
C ALA A 135 -1.46 -3.75 15.39
N GLU A 136 -0.51 -4.34 14.68
CA GLU A 136 0.27 -5.43 15.19
C GLU A 136 1.33 -4.91 16.19
N ARG A 137 1.73 -3.66 16.09
CA ARG A 137 2.72 -3.05 16.99
C ARG A 137 2.13 -1.75 17.58
N PRO A 138 1.16 -1.87 18.47
CA PRO A 138 0.45 -0.67 18.85
C PRO A 138 1.37 0.30 19.62
N GLY A 139 1.37 1.58 19.21
CA GLY A 139 2.18 2.61 19.83
C GLY A 139 3.58 2.80 19.26
N HIS A 140 3.97 1.92 18.32
N HIS A 140 4.01 2.05 18.27
CA HIS A 140 5.33 1.79 17.74
CA HIS A 140 5.41 2.14 17.95
C HIS A 140 5.56 2.87 16.68
C HIS A 140 5.67 2.70 16.54
N PHE A 141 4.61 3.01 15.76
CA PHE A 141 4.79 3.85 14.59
C PHE A 141 4.44 5.31 14.94
N ALA A 142 5.19 6.23 14.35
CA ALA A 142 5.01 7.65 14.59
C ALA A 142 3.78 8.19 13.86
N GLY A 143 3.40 7.57 12.76
CA GLY A 143 2.30 8.07 11.96
C GLY A 143 2.10 7.25 10.71
N MET A 144 0.92 7.39 10.13
CA MET A 144 0.60 6.71 8.88
CA MET A 144 0.52 6.68 8.96
C MET A 144 -0.10 7.70 7.97
N VAL A 145 0.31 7.65 6.69
CA VAL A 145 -0.38 8.36 5.62
C VAL A 145 -1.11 7.33 4.77
N LEU A 146 -2.43 7.47 4.66
CA LEU A 146 -3.25 6.50 3.94
C LEU A 146 -3.93 7.18 2.75
N ILE A 147 -3.66 6.68 1.56
CA ILE A 147 -4.26 7.19 0.35
C ILE A 147 -5.28 6.15 -0.10
N SER A 148 -6.55 6.44 0.05
CA SER A 148 -7.59 5.52 -0.41
CA SER A 148 -7.66 5.54 -0.31
C SER A 148 -7.36 4.09 0.11
N PRO A 149 -7.19 3.91 1.43
CA PRO A 149 -6.90 2.58 1.93
C PRO A 149 -8.07 1.62 1.73
N LEU A 150 -7.73 0.36 1.58
CA LEU A 150 -8.77 -0.67 1.48
C LEU A 150 -9.32 -0.97 2.87
N VAL A 151 -10.46 -0.34 3.16
CA VAL A 151 -11.17 -0.55 4.42
C VAL A 151 -12.51 -1.21 4.10
N LEU A 152 -13.30 -0.60 3.22
CA LEU A 152 -14.50 -1.26 2.69
C LEU A 152 -14.41 -1.26 1.17
N ALA A 153 -14.60 -2.40 0.55
CA ALA A 153 -14.63 -2.47 -0.89
C ALA A 153 -15.98 -1.98 -1.41
N ASN A 154 -15.98 -1.52 -2.65
CA ASN A 154 -17.24 -1.28 -3.38
C ASN A 154 -18.19 -2.44 -3.08
N PRO A 155 -19.37 -2.18 -2.51
CA PRO A 155 -20.20 -3.29 -2.09
C PRO A 155 -20.70 -4.14 -3.26
N GLU A 156 -21.01 -3.55 -4.41
CA GLU A 156 -21.46 -4.36 -5.55
C GLU A 156 -20.32 -5.27 -6.05
N SER A 157 -19.11 -4.72 -6.16
CA SER A 157 -17.96 -5.49 -6.58
C SER A 157 -17.66 -6.63 -5.60
N ALA A 158 -17.73 -6.33 -4.30
CA ALA A 158 -17.40 -7.34 -3.29
C ALA A 158 -18.42 -8.46 -3.32
N THR A 159 -19.70 -8.10 -3.49
CA THR A 159 -20.77 -9.08 -3.56
C THR A 159 -20.59 -9.97 -4.79
N THR A 160 -20.32 -9.35 -5.93
CA THR A 160 -20.08 -10.08 -7.16
C THR A 160 -18.97 -11.13 -6.93
N PHE A 161 -17.89 -10.64 -6.31
CA PHE A 161 -16.75 -11.53 -6.10
C PHE A 161 -17.13 -12.70 -5.18
N LYS A 162 -17.86 -12.44 -4.12
CA LYS A 162 -18.21 -13.51 -3.20
C LYS A 162 -19.08 -14.55 -3.89
N VAL A 163 -20.00 -14.14 -4.75
CA VAL A 163 -20.82 -15.07 -5.47
C VAL A 163 -19.98 -15.90 -6.44
N LEU A 164 -19.05 -15.27 -7.14
CA LEU A 164 -18.20 -15.97 -8.09
C LEU A 164 -17.31 -16.97 -7.32
N ALA A 165 -16.76 -16.52 -6.19
CA ALA A 165 -15.86 -17.35 -5.43
C ALA A 165 -16.57 -18.61 -4.95
N ALA A 166 -17.83 -18.47 -4.54
CA ALA A 166 -18.58 -19.66 -4.12
C ALA A 166 -18.77 -20.61 -5.31
N LYS A 167 -19.02 -20.10 -6.51
CA LYS A 167 -19.19 -20.99 -7.69
C LYS A 167 -17.87 -21.76 -7.96
N VAL A 168 -16.75 -21.11 -7.81
CA VAL A 168 -15.46 -21.74 -8.12
C VAL A 168 -15.11 -22.75 -7.01
N LEU A 169 -15.24 -22.32 -5.76
CA LEU A 169 -14.73 -23.14 -4.64
C LEU A 169 -15.70 -24.28 -4.38
N ASN A 170 -17.01 -23.97 -4.38
CA ASN A 170 -18.03 -24.90 -3.86
C ASN A 170 -18.67 -25.69 -5.01
N SER A 171 -18.89 -25.07 -6.17
CA SER A 171 -19.51 -25.76 -7.33
C SER A 171 -18.45 -26.20 -8.37
N VAL A 172 -17.16 -26.06 -8.04
CA VAL A 172 -15.99 -26.42 -8.90
C VAL A 172 -16.18 -25.97 -10.36
N LEU A 173 -16.65 -24.73 -10.58
CA LEU A 173 -16.65 -24.17 -11.94
C LEU A 173 -15.23 -23.68 -12.27
N PRO A 174 -14.70 -24.02 -13.46
CA PRO A 174 -13.27 -23.81 -13.80
C PRO A 174 -13.00 -22.49 -14.53
N ASN A 175 -11.84 -21.88 -14.31
CA ASN A 175 -11.34 -20.73 -15.15
C ASN A 175 -12.20 -19.48 -14.96
N LEU A 176 -12.92 -19.33 -13.84
CA LEU A 176 -13.75 -18.13 -13.66
C LEU A 176 -12.91 -17.06 -12.96
N SER A 177 -13.11 -15.81 -13.41
CA SER A 177 -12.53 -14.64 -12.80
C SER A 177 -13.50 -13.48 -12.95
N SER A 178 -13.45 -12.64 -11.93
CA SER A 178 -14.22 -11.41 -11.94
C SER A 178 -13.52 -10.31 -12.78
N GLY A 179 -12.34 -10.60 -13.32
CA GLY A 179 -11.69 -9.72 -14.33
C GLY A 179 -10.43 -9.04 -13.77
N PRO A 180 -9.67 -8.38 -14.63
CA PRO A 180 -8.46 -7.67 -14.25
C PRO A 180 -8.79 -6.30 -13.64
N ILE A 181 -7.76 -5.63 -13.14
CA ILE A 181 -7.88 -4.23 -12.73
C ILE A 181 -8.24 -3.39 -13.94
N ASP A 182 -9.23 -2.52 -13.77
CA ASP A 182 -9.61 -1.58 -14.83
C ASP A 182 -9.14 -0.18 -14.42
N SER A 183 -7.98 0.25 -14.90
CA SER A 183 -7.38 1.49 -14.50
C SER A 183 -8.22 2.70 -14.94
N SER A 184 -9.01 2.56 -15.99
CA SER A 184 -9.72 3.70 -16.58
C SER A 184 -10.79 4.26 -15.61
N VAL A 185 -11.20 3.48 -14.62
CA VAL A 185 -12.19 3.96 -13.66
C VAL A 185 -11.52 4.30 -12.32
N LEU A 186 -10.17 4.34 -12.28
CA LEU A 186 -9.43 4.57 -11.04
C LEU A 186 -8.66 5.89 -11.08
N SER A 187 -8.61 6.59 -12.21
CA SER A 187 -8.10 7.95 -12.25
C SER A 187 -8.81 8.68 -13.38
N ARG A 188 -9.09 9.96 -13.17
CA ARG A 188 -9.63 10.78 -14.26
C ARG A 188 -8.51 11.27 -15.20
N ASN A 189 -7.25 11.09 -14.80
CA ASN A 189 -6.11 11.58 -15.56
C ASN A 189 -5.76 10.53 -16.62
N LYS A 190 -6.13 10.79 -17.87
CA LYS A 190 -5.96 9.78 -18.92
C LYS A 190 -4.50 9.49 -19.23
N THR A 191 -3.66 10.48 -19.08
CA THR A 191 -2.24 10.27 -19.32
C THR A 191 -1.68 9.30 -18.24
N GLU A 192 -2.10 9.49 -16.98
CA GLU A 192 -1.69 8.56 -15.91
C GLU A 192 -2.23 7.15 -16.16
N VAL A 193 -3.45 7.02 -16.67
CA VAL A 193 -3.98 5.72 -17.01
C VAL A 193 -3.07 5.02 -18.05
N ASP A 194 -2.71 5.77 -19.09
CA ASP A 194 -1.87 5.22 -20.15
C ASP A 194 -0.47 4.82 -19.64
N ILE A 195 0.10 5.61 -18.75
CA ILE A 195 1.39 5.28 -18.16
C ILE A 195 1.28 3.99 -17.34
N TYR A 196 0.24 3.90 -16.52
CA TYR A 196 0.06 2.71 -15.72
C TYR A 196 -0.08 1.45 -16.60
N ASN A 197 -0.95 1.56 -17.62
CA ASN A 197 -1.27 0.41 -18.44
C ASN A 197 -0.01 -0.14 -19.14
N SER A 198 0.94 0.72 -19.44
CA SER A 198 2.13 0.25 -20.15
C SER A 198 3.32 0.06 -19.22
N ASP A 199 3.12 0.14 -17.92
CA ASP A 199 4.20 -0.12 -16.95
C ASP A 199 4.52 -1.62 -16.97
N PRO A 200 5.78 -2.01 -17.24
CA PRO A 200 6.07 -3.41 -17.38
C PRO A 200 6.04 -4.21 -16.08
N LEU A 201 5.83 -3.56 -14.97
CA LEU A 201 5.91 -4.23 -13.65
C LEU A 201 4.55 -4.36 -12.98
N ILE A 202 3.48 -3.97 -13.65
CA ILE A 202 2.12 -4.17 -13.09
C ILE A 202 1.62 -5.56 -13.46
N CYS A 203 0.51 -5.98 -12.82
CA CYS A 203 -0.16 -7.24 -13.17
C CYS A 203 -1.51 -6.94 -13.81
N ARG A 204 -1.66 -7.34 -15.08
CA ARG A 204 -2.82 -7.07 -15.92
C ARG A 204 -3.70 -8.33 -16.03
N ALA A 205 -3.40 -9.38 -15.27
CA ALA A 205 -4.16 -10.61 -15.35
C ALA A 205 -5.49 -10.50 -14.60
N GLY A 206 -6.42 -11.39 -14.92
CA GLY A 206 -7.64 -11.46 -14.15
C GLY A 206 -7.37 -11.82 -12.69
N LEU A 207 -8.20 -11.29 -11.79
CA LEU A 207 -8.10 -11.61 -10.35
C LEU A 207 -8.32 -13.11 -10.13
N LYS A 208 -7.39 -13.74 -9.43
CA LYS A 208 -7.53 -15.15 -9.06
C LYS A 208 -8.40 -15.24 -7.81
N VAL A 209 -9.26 -16.25 -7.79
CA VAL A 209 -10.20 -16.38 -6.68
C VAL A 209 -9.46 -16.50 -5.34
N CYS A 210 -8.35 -17.25 -5.30
CA CYS A 210 -7.61 -17.39 -4.06
C CYS A 210 -7.10 -16.04 -3.53
N PHE A 211 -6.72 -15.12 -4.43
CA PHE A 211 -6.23 -13.82 -3.99
C PHE A 211 -7.40 -12.94 -3.56
N GLY A 212 -8.49 -12.98 -4.31
CA GLY A 212 -9.67 -12.23 -3.86
C GLY A 212 -10.13 -12.64 -2.47
N ILE A 213 -10.00 -13.93 -2.14
CA ILE A 213 -10.36 -14.39 -0.78
C ILE A 213 -9.42 -13.74 0.24
N GLN A 214 -8.13 -13.61 -0.09
CA GLN A 214 -7.20 -12.93 0.83
C GLN A 214 -7.52 -11.44 0.96
N LEU A 215 -8.03 -10.80 -0.10
CA LEU A 215 -8.47 -9.41 0.02
C LEU A 215 -9.69 -9.31 0.94
N LEU A 216 -10.58 -10.27 0.85
CA LEU A 216 -11.72 -10.31 1.79
C LEU A 216 -11.21 -10.50 3.21
N ASN A 217 -10.20 -11.35 3.39
CA ASN A 217 -9.60 -11.55 4.70
C ASN A 217 -9.02 -10.20 5.20
N ALA A 218 -8.32 -9.50 4.33
CA ALA A 218 -7.76 -8.21 4.70
C ALA A 218 -8.84 -7.26 5.24
N VAL A 219 -9.94 -7.14 4.52
CA VAL A 219 -11.00 -6.23 4.94
C VAL A 219 -11.56 -6.68 6.31
N SER A 220 -11.73 -7.98 6.50
CA SER A 220 -12.25 -8.48 7.77
CA SER A 220 -12.24 -8.49 7.77
C SER A 220 -11.27 -8.17 8.91
N ARG A 221 -9.98 -8.36 8.65
CA ARG A 221 -8.99 -8.10 9.66
C ARG A 221 -8.87 -6.60 9.94
N VAL A 222 -8.95 -5.77 8.90
CA VAL A 222 -8.92 -4.34 9.13
C VAL A 222 -10.08 -3.93 10.04
N GLU A 223 -11.26 -4.50 9.84
CA GLU A 223 -12.41 -4.13 10.66
C GLU A 223 -12.10 -4.41 12.14
N ARG A 224 -11.52 -5.58 12.39
CA ARG A 224 -11.20 -5.97 13.79
C ARG A 224 -10.05 -5.12 14.34
N ALA A 225 -9.14 -4.65 13.49
CA ALA A 225 -8.01 -3.85 13.93
C ALA A 225 -8.42 -2.40 14.27
N LEU A 226 -9.45 -1.85 13.64
CA LEU A 226 -9.64 -0.39 13.75
C LEU A 226 -9.69 0.08 15.21
N PRO A 227 -10.40 -0.59 16.12
CA PRO A 227 -10.42 -0.13 17.55
C PRO A 227 -9.09 -0.27 18.32
N LYS A 228 -8.12 -0.96 17.76
CA LYS A 228 -6.81 -1.06 18.36
C LYS A 228 -5.89 0.04 17.84
N LEU A 229 -6.30 0.77 16.80
CA LEU A 229 -5.41 1.72 16.19
C LEU A 229 -5.32 2.97 17.04
N THR A 230 -4.12 3.34 17.40
CA THR A 230 -3.84 4.56 18.14
C THR A 230 -2.84 5.45 17.39
N VAL A 231 -2.26 4.98 16.30
CA VAL A 231 -1.24 5.71 15.55
C VAL A 231 -1.84 6.99 14.95
N PRO A 232 -1.08 8.08 14.96
CA PRO A 232 -1.52 9.28 14.22
C PRO A 232 -1.73 8.95 12.74
N PHE A 233 -2.74 9.51 12.09
CA PHE A 233 -2.83 9.30 10.65
C PHE A 233 -3.47 10.49 9.93
N LEU A 234 -3.10 10.54 8.64
CA LEU A 234 -3.71 11.39 7.62
C LEU A 234 -4.38 10.45 6.64
N LEU A 235 -5.65 10.67 6.36
CA LEU A 235 -6.44 9.86 5.47
C LEU A 235 -6.92 10.73 4.31
N LEU A 236 -6.59 10.34 3.09
CA LEU A 236 -6.99 11.04 1.88
C LEU A 236 -7.91 10.14 1.07
N GLN A 237 -9.05 10.63 0.67
CA GLN A 237 -10.06 9.76 0.02
C GLN A 237 -10.81 10.55 -1.06
N GLY A 238 -11.01 9.96 -2.23
CA GLY A 238 -11.83 10.57 -3.27
C GLY A 238 -13.27 10.16 -3.11
N SER A 239 -14.21 11.05 -3.46
CA SER A 239 -15.60 10.77 -3.28
C SER A 239 -16.11 9.83 -4.37
N ALA A 240 -15.42 9.74 -5.49
CA ALA A 240 -15.88 8.91 -6.64
C ALA A 240 -14.95 7.71 -6.80
N ASP A 241 -14.62 7.09 -5.68
CA ASP A 241 -13.72 5.91 -5.66
C ASP A 241 -14.57 4.66 -5.90
N ARG A 242 -14.32 4.07 -7.06
CA ARG A 242 -15.05 2.91 -7.54
C ARG A 242 -14.55 1.62 -6.89
N LEU A 243 -13.47 1.65 -6.13
CA LEU A 243 -12.86 0.43 -5.59
C LEU A 243 -12.87 0.38 -4.07
N CYS A 244 -12.24 1.37 -3.43
CA CYS A 244 -12.28 1.53 -1.96
C CYS A 244 -13.37 2.53 -1.63
N ASP A 245 -14.51 2.01 -1.20
CA ASP A 245 -15.66 2.85 -1.02
CA ASP A 245 -15.73 2.79 -0.93
C ASP A 245 -15.38 3.88 0.08
N SER A 246 -15.79 5.11 -0.20
CA SER A 246 -15.53 6.20 0.71
C SER A 246 -16.16 5.94 2.08
N LYS A 247 -17.21 5.12 2.19
CA LYS A 247 -17.76 4.73 3.49
C LYS A 247 -16.67 4.17 4.42
N GLY A 248 -15.71 3.46 3.86
CA GLY A 248 -14.65 2.90 4.68
C GLY A 248 -13.75 3.97 5.28
N ALA A 249 -13.53 5.05 4.56
CA ALA A 249 -12.74 6.18 5.11
C ALA A 249 -13.49 6.77 6.31
N TYR A 250 -14.80 6.92 6.20
CA TYR A 250 -15.56 7.48 7.31
C TYR A 250 -15.55 6.50 8.49
N LEU A 251 -15.62 5.19 8.22
CA LEU A 251 -15.54 4.13 9.25
CA LEU A 251 -15.60 4.24 9.33
C LEU A 251 -14.21 4.19 10.00
N LEU A 252 -13.11 4.35 9.26
CA LEU A 252 -11.81 4.43 9.87
C LEU A 252 -11.73 5.66 10.78
N MET A 253 -12.24 6.80 10.31
CA MET A 253 -12.25 8.01 11.14
C MET A 253 -13.05 7.80 12.43
N GLU A 254 -14.15 7.06 12.34
CA GLU A 254 -15.01 6.87 13.48
C GLU A 254 -14.45 5.83 14.46
N LEU A 255 -13.92 4.73 13.94
CA LEU A 255 -13.63 3.61 14.85
C LEU A 255 -12.19 3.61 15.34
N ALA A 256 -11.22 4.23 14.64
CA ALA A 256 -9.87 4.29 15.19
C ALA A 256 -9.85 5.06 16.51
N LYS A 257 -9.01 4.65 17.46
CA LYS A 257 -8.91 5.37 18.73
C LYS A 257 -7.83 6.46 18.69
N SER A 258 -7.13 6.61 17.55
CA SER A 258 -6.07 7.60 17.41
C SER A 258 -6.51 8.98 17.89
N GLN A 259 -5.67 9.62 18.68
CA GLN A 259 -5.90 10.99 19.13
C GLN A 259 -5.57 12.01 18.04
N ASP A 260 -4.84 11.60 17.00
CA ASP A 260 -4.42 12.50 15.93
C ASP A 260 -4.89 11.91 14.60
N LYS A 261 -6.09 12.27 14.16
CA LYS A 261 -6.63 11.72 12.92
C LYS A 261 -7.33 12.81 12.11
N THR A 262 -7.01 12.83 10.81
CA THR A 262 -7.45 13.86 9.89
C THR A 262 -7.89 13.21 8.58
N LEU A 263 -9.04 13.63 8.04
CA LEU A 263 -9.57 13.17 6.78
C LEU A 263 -9.67 14.34 5.81
N LYS A 264 -9.20 14.14 4.59
CA LYS A 264 -9.49 15.08 3.51
C LYS A 264 -10.21 14.34 2.39
N ILE A 265 -11.38 14.82 1.99
CA ILE A 265 -12.16 14.24 0.90
C ILE A 265 -11.90 15.09 -0.34
N TYR A 266 -11.64 14.42 -1.44
CA TYR A 266 -11.45 15.05 -2.75
C TYR A 266 -12.72 14.81 -3.59
N GLU A 267 -13.53 15.86 -3.72
CA GLU A 267 -14.82 15.72 -4.35
C GLU A 267 -14.68 15.49 -5.86
N GLY A 268 -15.25 14.38 -6.28
CA GLY A 268 -15.24 13.95 -7.68
C GLY A 268 -14.02 13.11 -8.04
N ALA A 269 -13.02 13.02 -7.16
CA ALA A 269 -11.76 12.35 -7.52
C ALA A 269 -11.97 10.85 -7.42
N TYR A 270 -11.20 10.15 -8.23
CA TYR A 270 -11.24 8.68 -8.31
C TYR A 270 -10.19 8.09 -7.33
N HIS A 271 -10.00 6.80 -7.40
CA HIS A 271 -9.23 6.04 -6.41
C HIS A 271 -7.79 6.51 -6.28
N VAL A 272 -7.08 6.68 -7.38
CA VAL A 272 -5.61 6.81 -7.32
C VAL A 272 -5.25 8.29 -7.21
N LEU A 273 -5.40 8.80 -5.97
CA LEU A 273 -5.34 10.26 -5.75
C LEU A 273 -3.96 10.85 -6.08
N HIS A 274 -2.90 10.08 -5.93
CA HIS A 274 -1.55 10.55 -6.22
C HIS A 274 -1.22 10.42 -7.71
N LYS A 275 -2.18 9.97 -8.53
CA LYS A 275 -2.01 9.88 -9.99
C LYS A 275 -3.28 10.41 -10.66
N GLU A 276 -3.84 11.47 -10.07
CA GLU A 276 -5.17 11.99 -10.46
C GLU A 276 -4.95 13.24 -11.32
N LEU A 277 -6.01 14.03 -11.45
CA LEU A 277 -5.86 15.30 -12.20
C LEU A 277 -4.84 16.15 -11.48
N PRO A 278 -4.10 16.99 -12.19
CA PRO A 278 -3.01 17.70 -11.58
C PRO A 278 -3.44 18.48 -10.33
N GLU A 279 -4.60 19.11 -10.29
CA GLU A 279 -5.00 19.90 -9.11
C GLU A 279 -5.13 19.00 -7.88
N VAL A 280 -5.62 17.77 -8.09
CA VAL A 280 -5.77 16.80 -6.98
C VAL A 280 -4.40 16.29 -6.56
N THR A 281 -3.59 15.85 -7.50
CA THR A 281 -2.29 15.31 -7.16
C THR A 281 -1.42 16.37 -6.48
N ASN A 282 -1.45 17.59 -6.96
CA ASN A 282 -0.64 18.61 -6.35
C ASN A 282 -1.09 18.85 -4.89
N SER A 283 -2.39 18.81 -4.66
CA SER A 283 -2.92 18.96 -3.30
C SER A 283 -2.47 17.80 -2.41
N VAL A 284 -2.57 16.58 -2.93
CA VAL A 284 -2.18 15.38 -2.20
C VAL A 284 -0.72 15.50 -1.75
N PHE A 285 0.18 15.87 -2.67
CA PHE A 285 1.59 16.03 -2.32
C PHE A 285 1.76 17.12 -1.26
N HIS A 286 1.06 18.25 -1.42
CA HIS A 286 1.17 19.35 -0.48
C HIS A 286 0.69 18.93 0.92
N GLU A 287 -0.42 18.24 0.97
CA GLU A 287 -0.98 17.85 2.25
C GLU A 287 -0.10 16.82 2.96
N ILE A 288 0.44 15.86 2.22
CA ILE A 288 1.36 14.90 2.81
C ILE A 288 2.62 15.63 3.32
N ASN A 289 3.17 16.53 2.52
CA ASN A 289 4.35 17.29 2.89
C ASN A 289 4.10 18.00 4.21
N MET A 290 3.00 18.75 4.32
CA MET A 290 2.76 19.51 5.54
CA MET A 290 2.68 19.51 5.53
C MET A 290 2.52 18.58 6.73
N TRP A 291 1.78 17.49 6.54
CA TRP A 291 1.45 16.62 7.67
C TRP A 291 2.72 15.96 8.23
N VAL A 292 3.55 15.45 7.34
CA VAL A 292 4.79 14.80 7.76
C VAL A 292 5.76 15.84 8.30
N SER A 293 5.86 17.00 7.67
CA SER A 293 6.77 18.06 8.14
C SER A 293 6.43 18.42 9.59
N GLN A 294 5.16 18.57 9.88
CA GLN A 294 4.75 19.02 11.21
C GLN A 294 5.04 17.94 12.26
N ARG A 295 5.19 16.69 11.87
CA ARG A 295 5.33 15.59 12.81
C ARG A 295 6.78 15.07 12.82
N THR A 296 7.68 15.78 12.15
CA THR A 296 9.13 15.44 12.11
C THR A 296 10.00 16.66 12.48
N ALA A 297 9.39 17.82 12.70
CA ALA A 297 10.10 19.11 12.95
C ALA A 297 11.52 18.90 13.50
#